data_5DS3
#
_entry.id   5DS3
#
_cell.length_a   93.405
_cell.length_b   93.405
_cell.length_c   134.197
_cell.angle_alpha   90.00
_cell.angle_beta   90.00
_cell.angle_gamma   120.00
#
_symmetry.space_group_name_H-M   'P 61 2 2'
#
loop_
_entity.id
_entity.type
_entity.pdbx_description
1 polymer 'Poly [ADP-ribose] polymerase 1'
2 non-polymer 'PENTAETHYLENE GLYCOL'
3 non-polymer 4-(3-{[4-(cyclopropylcarbonyl)piperazin-1-yl]carbonyl}-4-fluorobenzyl)phthalazin-1(2H)-one
4 non-polymer 'SULFATE ION'
5 water water
#
_entity_poly.entity_id   1
_entity_poly.type   'polypeptide(L)'
_entity_poly.pdbx_seq_one_letter_code
;MGSSHHHHHHSSGLVPRGSHMTKSKLPKPVQDLIKMIFGSGSGSGGDPIDVNYEKLKTDIKVVDRDSEEAEIIRKYVKNT
HATTHNAYDLEVIDIFKIEREGECQRYKPFKQLHNRRLLWHGSRTTNFAGILSQGLRIAPPEAPVTGYMFGKGIYFADMV
SKSANYCHTSQGDPIGLILLGEVALGNMYELKHASHISKLPKGKHSVKGLGKTTPDPSANISLDGVDVPLGTGISSGVND
TSLLYNEYIVYDIAQVNLKYLLKLKFNFKTS
;
_entity_poly.pdbx_strand_id   A
#
# COMPACT_ATOMS: atom_id res chain seq x y z
N SER A 24 27.26 11.34 -2.02
CA SER A 24 26.12 10.50 -2.49
C SER A 24 25.76 10.79 -3.93
N LYS A 25 25.83 9.77 -4.78
CA LYS A 25 25.45 9.89 -6.19
C LYS A 25 23.91 9.81 -6.38
N LEU A 26 23.20 9.27 -5.40
CA LEU A 26 21.74 9.09 -5.48
C LEU A 26 20.97 10.35 -5.88
N PRO A 27 19.86 10.20 -6.61
CA PRO A 27 19.07 11.38 -7.00
C PRO A 27 18.47 12.10 -5.80
N LYS A 28 18.25 13.40 -5.93
CA LYS A 28 17.78 14.21 -4.79
C LYS A 28 16.50 13.66 -4.15
N PRO A 29 15.43 13.46 -4.95
CA PRO A 29 14.22 12.91 -4.33
C PRO A 29 14.47 11.67 -3.48
N VAL A 30 15.40 10.83 -3.92
CA VAL A 30 15.70 9.60 -3.19
C VAL A 30 16.43 9.96 -1.91
N GLN A 31 17.40 10.86 -1.99
CA GLN A 31 18.08 11.35 -0.79
C GLN A 31 17.12 11.98 0.21
N ASP A 32 16.14 12.73 -0.28
CA ASP A 32 15.14 13.36 0.60
C ASP A 32 14.30 12.32 1.30
N LEU A 33 13.96 11.27 0.57
CA LEU A 33 13.20 10.16 1.13
C LEU A 33 13.99 9.44 2.21
N ILE A 34 15.26 9.17 1.95
CA ILE A 34 16.11 8.50 2.93
C ILE A 34 16.14 9.32 4.21
N LYS A 35 16.35 10.62 4.07
CA LYS A 35 16.36 11.52 5.23
C LYS A 35 15.06 11.45 6.00
N MET A 36 13.96 11.46 5.26
CA MET A 36 12.61 11.43 5.82
C MET A 36 12.31 10.23 6.72
N ILE A 37 12.80 9.05 6.34
CA ILE A 37 12.43 7.83 7.04
C ILE A 37 13.48 7.33 8.04
N PHE A 38 14.60 8.05 8.15
CA PHE A 38 15.58 7.76 9.18
C PHE A 38 15.67 8.88 10.21
N GLY A 39 15.78 10.13 9.77
CA GLY A 39 15.78 11.31 10.67
C GLY A 39 16.89 11.40 11.70
N SER A 40 17.42 12.60 11.93
CA SER A 40 18.59 12.80 12.79
C SER A 40 18.31 12.73 14.28
N GLY A 41 19.09 13.47 15.07
CA GLY A 41 18.89 13.62 16.53
C GLY A 41 19.10 12.40 17.44
N SER A 42 20.13 12.46 18.29
CA SER A 42 20.38 11.46 19.36
C SER A 42 21.48 10.45 19.04
N GLY A 43 21.05 9.34 18.44
CA GLY A 43 21.91 8.48 17.62
C GLY A 43 21.46 8.70 16.18
N SER A 44 21.45 9.98 15.81
CA SER A 44 21.04 10.45 14.47
C SER A 44 21.98 11.52 13.91
N GLY A 45 22.80 12.12 14.76
CA GLY A 45 24.00 12.83 14.31
C GLY A 45 25.02 11.78 13.89
N GLY A 46 24.82 11.24 12.69
CA GLY A 46 25.61 10.09 12.18
C GLY A 46 24.87 9.27 11.13
N ASP A 47 25.61 8.38 10.45
CA ASP A 47 25.11 7.52 9.36
C ASP A 47 24.79 8.28 8.07
N PRO A 48 25.72 8.24 7.09
CA PRO A 48 25.48 8.95 5.84
C PRO A 48 24.39 8.32 4.98
N ILE A 49 23.99 9.07 3.95
CA ILE A 49 22.85 8.73 3.10
C ILE A 49 22.99 7.34 2.51
N ASP A 50 24.11 7.08 1.84
CA ASP A 50 24.31 5.83 1.12
C ASP A 50 24.29 4.59 2.03
N VAL A 51 24.74 4.74 3.27
CA VAL A 51 24.80 3.60 4.18
C VAL A 51 23.40 3.22 4.64
N ASN A 52 22.60 4.24 4.93
CA ASN A 52 21.18 4.05 5.27
C ASN A 52 20.38 3.50 4.10
N TYR A 53 20.75 3.88 2.89
CA TYR A 53 20.08 3.37 1.71
C TYR A 53 20.32 1.88 1.57
N GLU A 54 21.57 1.48 1.61
CA GLU A 54 21.93 0.06 1.52
C GLU A 54 21.24 -0.73 2.63
N LYS A 55 20.94 -0.06 3.73
CA LYS A 55 20.20 -0.66 4.85
C LYS A 55 18.79 -1.12 4.52
N LEU A 56 18.20 -0.52 3.50
CA LEU A 56 16.84 -0.83 3.07
C LEU A 56 16.73 -2.12 2.24
N LYS A 57 17.86 -2.62 1.75
CA LYS A 57 17.90 -3.83 0.93
C LYS A 57 16.88 -3.74 -0.19
N THR A 58 16.81 -2.55 -0.80
CA THR A 58 15.75 -2.17 -1.75
C THR A 58 16.40 -1.35 -2.87
N ASP A 59 15.95 -1.55 -4.11
CA ASP A 59 16.34 -0.68 -5.22
C ASP A 59 15.26 0.38 -5.31
N ILE A 60 15.67 1.65 -5.35
CA ILE A 60 14.71 2.75 -5.45
C ILE A 60 15.07 3.61 -6.66
N LYS A 61 14.12 3.77 -7.57
CA LYS A 61 14.28 4.64 -8.74
C LYS A 61 13.12 5.63 -8.80
N VAL A 62 13.41 6.83 -9.26
CA VAL A 62 12.37 7.83 -9.45
C VAL A 62 11.64 7.54 -10.75
N VAL A 63 10.33 7.40 -10.66
CA VAL A 63 9.47 7.31 -11.82
C VAL A 63 9.40 8.70 -12.42
N ASP A 64 9.75 8.81 -13.70
CA ASP A 64 9.67 10.06 -14.41
C ASP A 64 8.25 10.63 -14.36
N ARG A 65 8.14 11.91 -14.00
CA ARG A 65 6.84 12.57 -13.91
C ARG A 65 6.03 12.46 -15.23
N ASP A 66 6.72 12.50 -16.36
CA ASP A 66 6.08 12.41 -17.68
C ASP A 66 5.72 11.01 -18.16
N SER A 67 6.09 9.98 -17.41
CA SER A 67 5.87 8.60 -17.84
C SER A 67 4.38 8.25 -17.85
N GLU A 68 4.04 7.18 -18.56
CA GLU A 68 2.68 6.69 -18.50
C GLU A 68 2.42 6.04 -17.15
N GLU A 69 3.43 5.36 -16.61
CA GLU A 69 3.42 4.85 -15.23
C GLU A 69 2.95 5.91 -14.23
N ALA A 70 3.55 7.09 -14.35
CA ALA A 70 3.24 8.21 -13.49
C ALA A 70 1.81 8.69 -13.69
N GLU A 71 1.39 8.77 -14.94
CA GLU A 71 0.02 9.15 -15.28
C GLU A 71 -1.01 8.17 -14.73
N ILE A 72 -0.77 6.88 -14.88
CA ILE A 72 -1.69 5.88 -14.34
C ILE A 72 -1.82 6.04 -12.83
N ILE A 73 -0.69 6.23 -12.17
CA ILE A 73 -0.68 6.36 -10.72
C ILE A 73 -1.38 7.65 -10.26
N ARG A 74 -1.12 8.76 -10.92
CA ARG A 74 -1.79 10.01 -10.55
C ARG A 74 -3.29 9.93 -10.76
N LYS A 75 -3.71 9.20 -11.78
CA LYS A 75 -5.13 9.01 -12.05
C LYS A 75 -5.73 8.15 -10.93
N TYR A 76 -4.95 7.16 -10.48
CA TYR A 76 -5.38 6.27 -9.42
C TYR A 76 -5.63 7.10 -8.16
N VAL A 77 -4.68 7.96 -7.82
CA VAL A 77 -4.80 8.84 -6.66
C VAL A 77 -5.96 9.81 -6.77
N LYS A 78 -6.03 10.49 -7.92
CA LYS A 78 -6.99 11.55 -8.13
C LYS A 78 -8.42 11.01 -7.99
N ASN A 79 -8.70 9.92 -8.71
CA ASN A 79 -10.05 9.35 -8.79
C ASN A 79 -10.55 8.68 -7.51
N THR A 80 -9.66 7.94 -6.84
CA THR A 80 -10.05 7.18 -5.64
C THR A 80 -9.90 8.02 -4.34
N HIS A 81 -10.59 9.15 -4.30
CA HIS A 81 -10.40 10.14 -3.24
C HIS A 81 -11.65 11.03 -3.05
N HIS A 85 -15.19 14.80 -1.27
CA HIS A 85 -15.47 14.37 0.09
C HIS A 85 -15.03 15.44 1.12
N ASN A 86 -13.96 15.19 1.89
CA ASN A 86 -13.63 15.96 3.11
C ASN A 86 -12.35 15.48 3.84
N ALA A 87 -11.75 16.38 4.61
CA ALA A 87 -10.56 16.15 5.49
C ALA A 87 -9.29 16.83 4.94
N TYR A 88 -8.72 16.28 3.87
CA TYR A 88 -7.48 16.81 3.24
C TYR A 88 -7.48 16.58 1.73
N ASP A 89 -6.55 17.22 1.04
CA ASP A 89 -6.41 17.10 -0.41
C ASP A 89 -5.07 16.42 -0.69
N LEU A 90 -5.09 15.33 -1.46
CA LEU A 90 -3.86 14.61 -1.78
C LEU A 90 -3.27 15.12 -3.07
N GLU A 91 -1.94 15.25 -3.08
CA GLU A 91 -1.21 15.79 -4.19
C GLU A 91 0.10 15.02 -4.22
N VAL A 92 0.44 14.43 -5.37
CA VAL A 92 1.65 13.60 -5.47
C VAL A 92 2.88 14.46 -5.67
N ILE A 93 3.95 14.17 -4.93
CA ILE A 93 5.19 14.94 -5.01
C ILE A 93 6.25 14.14 -5.75
N ASP A 94 6.44 12.90 -5.31
CA ASP A 94 7.40 11.97 -5.93
C ASP A 94 6.81 10.58 -5.98
N ILE A 95 7.12 9.86 -7.06
CA ILE A 95 6.73 8.46 -7.23
C ILE A 95 7.99 7.65 -7.38
N PHE A 96 8.21 6.70 -6.48
CA PHE A 96 9.38 5.82 -6.53
C PHE A 96 8.99 4.41 -6.91
N LYS A 97 9.73 3.84 -7.85
CA LYS A 97 9.61 2.43 -8.15
C LYS A 97 10.57 1.67 -7.22
N ILE A 98 10.05 0.69 -6.50
CA ILE A 98 10.86 -0.08 -5.55
C ILE A 98 10.90 -1.55 -5.88
N GLU A 99 12.07 -2.16 -5.69
CA GLU A 99 12.25 -3.61 -5.77
C GLU A 99 12.97 -4.08 -4.52
N ARG A 100 12.23 -4.64 -3.56
CA ARG A 100 12.87 -5.16 -2.37
C ARG A 100 13.63 -6.42 -2.73
N GLU A 101 14.84 -6.58 -2.19
CA GLU A 101 15.62 -7.79 -2.44
C GLU A 101 14.79 -9.04 -2.17
N GLY A 102 14.78 -9.93 -3.16
CA GLY A 102 14.23 -11.26 -3.01
C GLY A 102 12.73 -11.38 -3.08
N GLU A 103 12.01 -10.26 -3.13
CA GLU A 103 10.56 -10.29 -2.99
C GLU A 103 9.88 -10.84 -4.25
N CYS A 104 10.36 -10.43 -5.42
CA CYS A 104 9.81 -10.92 -6.65
C CYS A 104 9.98 -12.42 -6.79
N GLN A 105 11.14 -12.93 -6.36
CA GLN A 105 11.43 -14.36 -6.37
CA GLN A 105 11.43 -14.37 -6.36
C GLN A 105 10.52 -15.09 -5.38
N ARG A 106 10.23 -14.46 -4.26
CA ARG A 106 9.30 -14.96 -3.24
C ARG A 106 7.85 -14.97 -3.73
N TYR A 107 7.51 -14.00 -4.57
CA TYR A 107 6.16 -13.86 -5.10
C TYR A 107 5.83 -14.92 -6.16
N LYS A 108 6.86 -15.49 -6.79
CA LYS A 108 6.70 -16.48 -7.87
C LYS A 108 5.62 -17.56 -7.65
N PRO A 109 5.57 -18.19 -6.45
CA PRO A 109 4.46 -19.07 -6.13
C PRO A 109 3.08 -18.53 -6.56
N PHE A 110 2.82 -17.25 -6.29
CA PHE A 110 1.50 -16.65 -6.51
C PHE A 110 1.35 -15.79 -7.77
N LYS A 111 2.42 -15.62 -8.54
CA LYS A 111 2.42 -14.70 -9.69
C LYS A 111 1.46 -15.09 -10.84
N GLN A 112 1.15 -16.38 -10.94
CA GLN A 112 0.22 -16.91 -11.97
C GLN A 112 -1.14 -17.33 -11.37
N LEU A 113 -1.45 -16.76 -10.20
CA LEU A 113 -2.74 -16.96 -9.55
C LEU A 113 -3.64 -15.81 -9.98
N HIS A 114 -4.79 -16.15 -10.58
N HIS A 114 -4.80 -16.11 -10.57
CA HIS A 114 -5.87 -15.20 -10.93
CA HIS A 114 -5.68 -15.06 -11.08
C HIS A 114 -6.15 -14.11 -9.89
C HIS A 114 -6.15 -14.12 -9.94
N ASN A 115 -6.71 -12.98 -10.33
CA ASN A 115 -7.13 -11.91 -9.42
C ASN A 115 -5.97 -11.23 -8.68
N ARG A 116 -5.06 -10.61 -9.43
CA ARG A 116 -3.97 -9.84 -8.84
C ARG A 116 -4.24 -8.36 -9.07
N ARG A 117 -4.11 -7.56 -8.02
CA ARG A 117 -4.51 -6.16 -8.06
C ARG A 117 -3.43 -5.27 -7.50
N LEU A 118 -3.35 -4.07 -8.07
CA LEU A 118 -2.47 -3.03 -7.58
C LEU A 118 -3.25 -2.23 -6.54
N LEU A 119 -2.85 -2.33 -5.27
CA LEU A 119 -3.64 -1.80 -4.13
C LEU A 119 -2.80 -0.96 -3.20
N TRP A 120 -3.47 -0.09 -2.46
CA TRP A 120 -2.82 0.86 -1.54
C TRP A 120 -2.51 0.30 -0.14
N HIS A 121 -1.38 0.72 0.42
CA HIS A 121 -1.09 0.49 1.81
C HIS A 121 -0.43 1.71 2.42
N GLY A 122 -1.16 2.40 3.28
CA GLY A 122 -0.61 3.51 4.02
C GLY A 122 -0.05 3.06 5.36
N SER A 123 0.96 3.76 5.82
CA SER A 123 1.54 3.53 7.12
C SER A 123 2.23 4.81 7.56
N ARG A 124 2.51 4.94 8.84
CA ARG A 124 3.24 6.11 9.28
C ARG A 124 4.72 6.02 8.85
N THR A 125 5.27 7.17 8.49
CA THR A 125 6.65 7.30 8.06
C THR A 125 7.63 6.52 8.93
N THR A 126 7.44 6.56 10.24
CA THR A 126 8.39 5.90 11.14
C THR A 126 8.44 4.39 10.97
N ASN A 127 7.51 3.84 10.20
CA ASN A 127 7.51 2.39 9.94
C ASN A 127 8.20 1.99 8.63
N PHE A 128 8.55 2.96 7.79
CA PHE A 128 8.96 2.63 6.42
C PHE A 128 10.35 2.08 6.30
N ALA A 129 11.22 2.40 7.25
CA ALA A 129 12.55 1.78 7.26
C ALA A 129 12.38 0.29 7.45
N GLY A 130 11.51 -0.10 8.39
CA GLY A 130 11.27 -1.50 8.69
C GLY A 130 10.55 -2.17 7.56
N ILE A 131 9.56 -1.47 7.01
CA ILE A 131 8.74 -2.00 5.94
C ILE A 131 9.54 -2.27 4.66
N LEU A 132 10.49 -1.40 4.34
CA LEU A 132 11.24 -1.59 3.13
C LEU A 132 12.32 -2.66 3.33
N SER A 133 12.94 -2.72 4.51
CA SER A 133 13.99 -3.71 4.72
C SER A 133 13.43 -5.10 5.01
N GLN A 134 12.38 -5.17 5.82
CA GLN A 134 11.73 -6.45 6.19
C GLN A 134 10.47 -6.76 5.37
N GLY A 135 9.96 -5.81 4.58
CA GLY A 135 8.69 -6.00 3.88
C GLY A 135 7.50 -5.92 4.84
N LEU A 136 6.29 -5.97 4.33
CA LEU A 136 5.12 -6.02 5.20
C LEU A 136 5.02 -7.39 5.83
N ARG A 137 4.74 -7.41 7.13
CA ARG A 137 4.72 -8.68 7.89
C ARG A 137 3.45 -8.90 8.68
N ILE A 138 3.25 -10.17 9.03
CA ILE A 138 2.08 -10.63 9.72
C ILE A 138 2.33 -10.49 11.20
N ALA A 139 1.47 -9.75 11.89
CA ALA A 139 1.57 -9.63 13.33
C ALA A 139 1.73 -11.00 14.01
N PRO A 140 2.57 -11.08 15.06
CA PRO A 140 2.86 -12.38 15.68
C PRO A 140 1.62 -13.06 16.25
N PRO A 141 1.60 -14.40 16.31
CA PRO A 141 0.39 -15.16 16.67
C PRO A 141 -0.08 -14.86 18.09
N GLU A 142 0.87 -14.53 18.96
CA GLU A 142 0.59 -14.24 20.37
C GLU A 142 -0.20 -12.94 20.63
N ALA A 143 -0.09 -11.95 19.75
CA ALA A 143 -0.77 -10.66 19.96
C ALA A 143 -2.30 -10.81 20.02
N PRO A 144 -2.98 -9.89 20.74
CA PRO A 144 -4.43 -10.01 20.88
C PRO A 144 -5.18 -9.52 19.65
N VAL A 145 -6.37 -10.07 19.47
CA VAL A 145 -7.09 -10.02 18.20
C VAL A 145 -7.79 -8.68 17.93
N THR A 146 -7.89 -7.84 18.96
CA THR A 146 -8.44 -6.49 18.81
C THR A 146 -7.45 -5.65 18.00
N GLY A 147 -7.99 -4.81 17.13
CA GLY A 147 -7.16 -4.06 16.20
C GLY A 147 -6.85 -4.87 14.96
N TYR A 148 -7.46 -6.05 14.86
CA TYR A 148 -7.38 -6.88 13.66
C TYR A 148 -8.79 -7.31 13.27
N MET A 149 -9.46 -6.41 12.58
CA MET A 149 -10.84 -6.55 12.18
C MET A 149 -11.03 -7.84 11.38
N PHE A 150 -10.04 -8.19 10.57
CA PHE A 150 -10.10 -9.41 9.78
C PHE A 150 -8.86 -10.27 10.03
N GLY A 151 -8.44 -10.33 11.29
CA GLY A 151 -7.34 -11.18 11.69
C GLY A 151 -5.97 -10.62 11.36
N LYS A 152 -4.95 -11.40 11.70
CA LYS A 152 -3.57 -10.95 11.58
C LYS A 152 -3.07 -11.21 10.17
N GLY A 153 -3.29 -10.24 9.29
CA GLY A 153 -2.85 -10.34 7.91
C GLY A 153 -2.24 -9.04 7.45
N ILE A 154 -2.15 -8.89 6.14
CA ILE A 154 -1.66 -7.68 5.52
C ILE A 154 -2.82 -7.07 4.79
N TYR A 155 -3.14 -5.83 5.16
CA TYR A 155 -4.37 -5.14 4.77
C TYR A 155 -4.11 -4.08 3.69
N PHE A 156 -4.90 -4.12 2.63
CA PHE A 156 -4.78 -3.17 1.55
C PHE A 156 -6.12 -2.48 1.29
N ALA A 157 -6.09 -1.39 0.52
CA ALA A 157 -7.32 -0.73 0.06
C ALA A 157 -7.27 -0.45 -1.44
N ASP A 158 -8.44 -0.37 -2.07
CA ASP A 158 -8.53 0.05 -3.47
C ASP A 158 -8.84 1.54 -3.61
N MET A 159 -8.89 2.27 -2.51
CA MET A 159 -9.06 3.72 -2.57
C MET A 159 -8.11 4.45 -1.63
N VAL A 160 -7.25 5.29 -2.21
CA VAL A 160 -6.15 5.93 -1.48
C VAL A 160 -6.57 6.67 -0.20
N SER A 161 -7.75 7.26 -0.20
CA SER A 161 -8.25 8.00 0.96
C SER A 161 -8.30 7.11 2.20
N LYS A 162 -8.79 5.88 2.03
CA LYS A 162 -8.78 4.89 3.08
C LYS A 162 -7.37 4.66 3.61
N SER A 163 -6.46 4.28 2.71
CA SER A 163 -5.07 3.99 3.10
C SER A 163 -4.37 5.20 3.70
N ALA A 164 -4.71 6.39 3.22
CA ALA A 164 -3.96 7.60 3.57
C ALA A 164 -4.15 8.06 5.03
N ASN A 165 -5.25 7.67 5.66
CA ASN A 165 -5.46 7.94 7.08
C ASN A 165 -4.48 7.20 7.99
N TYR A 166 -3.90 6.11 7.49
CA TYR A 166 -2.98 5.32 8.29
C TYR A 166 -1.56 5.86 8.28
N CYS A 167 -1.38 6.99 7.58
CA CYS A 167 -0.14 7.76 7.60
C CYS A 167 -0.07 8.65 8.85
N HIS A 168 -1.22 8.89 9.47
CA HIS A 168 -1.29 9.80 10.63
C HIS A 168 -0.52 11.09 10.44
N THR A 169 -0.61 11.68 9.25
CA THR A 169 0.11 12.89 8.95
C THR A 169 -0.67 14.06 9.53
N SER A 170 0.07 15.09 9.93
CA SER A 170 -0.46 16.23 10.68
C SER A 170 -0.40 17.50 9.86
N GLN A 171 -1.13 18.51 10.30
CA GLN A 171 -1.05 19.83 9.68
C GLN A 171 0.38 20.40 9.80
N GLY A 172 1.08 20.03 10.87
CA GLY A 172 2.46 20.47 11.12
C GLY A 172 3.50 19.86 10.21
N ASP A 173 3.41 18.56 9.95
CA ASP A 173 4.26 17.89 8.96
C ASP A 173 3.37 17.09 7.99
N PRO A 174 2.83 17.78 6.97
CA PRO A 174 1.77 17.22 6.14
C PRO A 174 2.25 16.46 4.91
N ILE A 175 3.34 15.71 5.05
CA ILE A 175 3.83 14.85 3.97
C ILE A 175 3.68 13.41 4.43
N GLY A 176 3.30 12.52 3.51
CA GLY A 176 3.01 11.13 3.87
C GLY A 176 3.53 10.15 2.84
N LEU A 177 3.73 8.91 3.26
CA LEU A 177 4.16 7.86 2.36
C LEU A 177 3.09 6.79 2.25
N ILE A 178 2.78 6.38 1.02
CA ILE A 178 1.84 5.29 0.77
C ILE A 178 2.44 4.37 -0.26
N LEU A 179 2.27 3.06 -0.06
CA LEU A 179 2.73 2.05 -0.99
C LEU A 179 1.64 1.67 -1.98
N LEU A 180 2.09 1.23 -3.15
CA LEU A 180 1.28 0.47 -4.07
C LEU A 180 1.92 -0.90 -4.20
N GLY A 181 1.18 -1.92 -3.83
CA GLY A 181 1.67 -3.30 -3.94
C GLY A 181 0.79 -4.12 -4.86
N GLU A 182 1.43 -5.04 -5.57
CA GLU A 182 0.72 -6.07 -6.32
C GLU A 182 0.34 -7.14 -5.30
N VAL A 183 -0.96 -7.38 -5.16
CA VAL A 183 -1.46 -8.35 -4.20
C VAL A 183 -2.11 -9.49 -4.96
N ALA A 184 -1.67 -10.71 -4.71
CA ALA A 184 -2.25 -11.89 -5.33
C ALA A 184 -3.39 -12.43 -4.47
N LEU A 185 -4.61 -11.99 -4.79
CA LEU A 185 -5.78 -12.21 -3.95
C LEU A 185 -6.38 -13.60 -4.13
N GLY A 186 -6.27 -14.15 -5.32
CA GLY A 186 -6.93 -15.40 -5.65
C GLY A 186 -8.44 -15.38 -5.36
N ASN A 187 -8.94 -16.48 -4.84
CA ASN A 187 -10.35 -16.63 -4.52
C ASN A 187 -10.60 -15.89 -3.22
N MET A 188 -11.38 -14.82 -3.28
CA MET A 188 -11.61 -13.96 -2.11
C MET A 188 -12.75 -14.50 -1.28
N TYR A 189 -12.69 -14.25 0.03
CA TYR A 189 -13.76 -14.60 0.95
C TYR A 189 -14.39 -13.27 1.30
N GLU A 190 -15.66 -13.09 0.94
CA GLU A 190 -16.28 -11.77 1.01
C GLU A 190 -17.13 -11.59 2.24
N LEU A 191 -16.79 -10.61 3.06
CA LEU A 191 -17.41 -10.39 4.37
C LEU A 191 -17.91 -8.96 4.50
N LYS A 192 -19.04 -8.80 5.18
CA LYS A 192 -19.61 -7.50 5.47
C LYS A 192 -19.30 -7.06 6.90
N HIS A 193 -18.75 -7.96 7.70
CA HIS A 193 -18.46 -7.68 9.12
C HIS A 193 -17.16 -8.32 9.57
N ALA A 194 -16.59 -7.79 10.64
CA ALA A 194 -15.31 -8.27 11.16
C ALA A 194 -15.40 -9.74 11.55
N SER A 195 -14.38 -10.50 11.19
CA SER A 195 -14.28 -11.92 11.54
C SER A 195 -13.36 -12.12 12.73
N HIS A 196 -12.31 -11.31 12.80
CA HIS A 196 -11.26 -11.42 13.81
C HIS A 196 -10.43 -12.68 13.77
N ILE A 197 -10.46 -13.41 12.66
CA ILE A 197 -9.71 -14.66 12.61
C ILE A 197 -8.88 -14.67 11.35
N SER A 198 -7.82 -15.46 11.38
CA SER A 198 -6.80 -15.43 10.34
C SER A 198 -6.90 -16.65 9.46
N LYS A 199 -7.98 -17.41 9.65
CA LYS A 199 -8.11 -18.73 9.08
C LYS A 199 -9.25 -18.75 8.08
N LEU A 200 -8.94 -19.13 6.84
CA LEU A 200 -9.90 -19.08 5.75
C LEU A 200 -10.46 -20.44 5.43
N PRO A 201 -11.68 -20.49 4.85
CA PRO A 201 -12.19 -21.76 4.33
C PRO A 201 -11.31 -22.27 3.20
N LYS A 202 -11.49 -23.54 2.84
CA LYS A 202 -10.63 -24.19 1.86
C LYS A 202 -10.81 -23.56 0.47
N GLY A 203 -9.69 -23.29 -0.20
CA GLY A 203 -9.71 -22.70 -1.54
C GLY A 203 -9.95 -21.20 -1.57
N LYS A 204 -9.85 -20.54 -0.42
CA LYS A 204 -9.92 -19.09 -0.35
C LYS A 204 -8.54 -18.62 0.06
N HIS A 205 -8.05 -17.58 -0.60
CA HIS A 205 -6.70 -17.11 -0.39
C HIS A 205 -6.64 -15.72 0.20
N SER A 206 -7.77 -15.04 0.25
CA SER A 206 -7.81 -13.68 0.78
C SER A 206 -9.22 -13.32 1.28
N VAL A 207 -9.33 -12.17 1.94
CA VAL A 207 -10.60 -11.63 2.37
C VAL A 207 -10.82 -10.29 1.71
N LYS A 208 -12.02 -10.10 1.20
CA LYS A 208 -12.46 -8.80 0.79
C LYS A 208 -13.47 -8.29 1.78
N GLY A 209 -13.12 -7.25 2.51
CA GLY A 209 -14.09 -6.49 3.30
C GLY A 209 -14.93 -5.68 2.33
N LEU A 210 -16.24 -5.85 2.39
CA LEU A 210 -17.13 -5.24 1.40
C LEU A 210 -17.56 -3.88 1.89
N GLY A 211 -17.15 -2.84 1.15
CA GLY A 211 -17.50 -1.46 1.50
C GLY A 211 -18.74 -0.96 0.80
N LYS A 212 -19.23 0.20 1.22
CA LYS A 212 -20.35 0.89 0.53
C LYS A 212 -19.88 1.49 -0.80
N THR A 213 -18.70 2.09 -0.79
CA THR A 213 -18.11 2.69 -1.97
C THR A 213 -17.01 1.80 -2.60
N THR A 214 -17.01 1.78 -3.93
CA THR A 214 -16.11 0.94 -4.71
C THR A 214 -15.70 1.76 -5.95
N PRO A 215 -14.47 1.55 -6.46
CA PRO A 215 -14.10 2.21 -7.71
C PRO A 215 -14.96 1.68 -8.87
N ASP A 216 -15.22 2.52 -9.86
CA ASP A 216 -16.10 2.12 -10.96
C ASP A 216 -15.42 1.06 -11.81
N PRO A 217 -15.98 -0.16 -11.83
CA PRO A 217 -15.33 -1.23 -12.58
C PRO A 217 -15.20 -0.97 -14.07
N SER A 218 -16.05 -0.12 -14.62
CA SER A 218 -15.98 0.19 -16.05
C SER A 218 -14.77 1.06 -16.39
N ALA A 219 -14.05 1.57 -15.40
CA ALA A 219 -12.83 2.33 -15.65
C ALA A 219 -11.56 1.53 -15.31
N ASN A 220 -11.73 0.37 -14.69
CA ASN A 220 -10.59 -0.43 -14.30
C ASN A 220 -9.82 -0.86 -15.55
N ILE A 221 -8.50 -0.73 -15.46
CA ILE A 221 -7.61 -1.12 -16.53
C ILE A 221 -6.64 -2.16 -15.99
N SER A 222 -5.76 -2.63 -16.85
CA SER A 222 -4.92 -3.78 -16.56
C SER A 222 -3.51 -3.49 -17.05
N LEU A 223 -2.63 -3.07 -16.14
CA LEU A 223 -1.20 -3.17 -16.35
C LEU A 223 -0.86 -4.66 -16.31
N ASP A 224 0.22 -5.07 -16.98
CA ASP A 224 0.73 -6.44 -16.86
C ASP A 224 -0.42 -7.40 -17.11
N GLY A 225 -0.68 -8.29 -16.17
CA GLY A 225 -2.01 -8.87 -15.99
C GLY A 225 -2.53 -8.49 -14.60
N VAL A 226 -2.10 -7.32 -14.11
CA VAL A 226 -2.48 -6.80 -12.78
C VAL A 226 -3.52 -5.70 -12.92
N ASP A 227 -4.66 -5.89 -12.26
CA ASP A 227 -5.76 -4.95 -12.32
C ASP A 227 -5.47 -3.68 -11.51
N VAL A 228 -5.63 -2.51 -12.14
CA VAL A 228 -5.54 -1.22 -11.46
C VAL A 228 -6.94 -0.60 -11.37
N PRO A 229 -7.56 -0.66 -10.18
CA PRO A 229 -8.93 -0.19 -10.02
C PRO A 229 -8.97 1.31 -9.78
N LEU A 230 -8.85 2.08 -10.85
CA LEU A 230 -8.78 3.52 -10.74
C LEU A 230 -10.07 4.19 -11.25
N GLY A 231 -11.15 3.42 -11.28
CA GLY A 231 -12.46 4.01 -11.52
C GLY A 231 -12.75 4.99 -10.40
N THR A 232 -13.52 6.02 -10.71
CA THR A 232 -13.95 6.97 -9.71
C THR A 232 -14.89 6.26 -8.74
N GLY A 233 -14.83 6.63 -7.45
CA GLY A 233 -15.63 5.97 -6.42
C GLY A 233 -17.12 6.07 -6.66
N ILE A 234 -17.79 4.93 -6.74
CA ILE A 234 -19.24 4.89 -6.88
C ILE A 234 -19.85 3.97 -5.82
N SER A 235 -21.17 4.00 -5.73
CA SER A 235 -21.91 3.17 -4.79
C SER A 235 -21.85 1.71 -5.21
N SER A 236 -21.55 0.83 -4.26
CA SER A 236 -21.37 -0.60 -4.55
C SER A 236 -22.67 -1.39 -4.55
N GLY A 237 -23.72 -0.83 -3.97
CA GLY A 237 -25.00 -1.54 -3.86
C GLY A 237 -25.11 -2.46 -2.67
N VAL A 238 -24.00 -2.68 -1.96
CA VAL A 238 -23.98 -3.56 -0.80
C VAL A 238 -24.76 -2.93 0.36
N ASN A 239 -25.78 -3.63 0.84
CA ASN A 239 -26.72 -3.08 1.82
C ASN A 239 -26.14 -3.09 3.23
N ASP A 240 -26.03 -4.29 3.81
CA ASP A 240 -25.80 -4.46 5.23
C ASP A 240 -24.31 -4.53 5.50
N THR A 241 -23.66 -3.37 5.69
CA THR A 241 -22.20 -3.34 5.89
C THR A 241 -21.67 -2.18 6.75
N SER A 242 -20.59 -2.50 7.47
CA SER A 242 -19.96 -1.59 8.41
C SER A 242 -18.97 -0.65 7.73
N LEU A 243 -18.33 -1.14 6.66
CA LEU A 243 -17.24 -0.45 5.99
C LEU A 243 -17.69 0.57 4.94
N LEU A 244 -17.11 1.77 5.00
CA LEU A 244 -17.27 2.78 3.96
C LEU A 244 -16.56 2.33 2.68
N TYR A 245 -15.40 1.70 2.86
CA TYR A 245 -14.57 1.27 1.74
C TYR A 245 -14.14 -0.18 1.89
N ASN A 246 -14.01 -0.84 0.75
CA ASN A 246 -13.36 -2.13 0.65
C ASN A 246 -12.04 -2.22 1.37
N GLU A 247 -11.77 -3.40 1.91
CA GLU A 247 -10.46 -3.72 2.45
C GLU A 247 -10.09 -5.08 1.90
N TYR A 248 -8.79 -5.33 1.74
CA TYR A 248 -8.31 -6.59 1.19
C TYR A 248 -7.23 -7.14 2.09
N ILE A 249 -7.34 -8.41 2.44
CA ILE A 249 -6.47 -8.98 3.43
C ILE A 249 -5.93 -10.31 2.93
N VAL A 250 -4.61 -10.43 2.91
CA VAL A 250 -3.93 -11.69 2.67
C VAL A 250 -3.16 -12.12 3.92
N TYR A 251 -2.93 -13.42 4.05
CA TYR A 251 -2.39 -14.01 5.28
C TYR A 251 -1.07 -14.69 5.06
N ASP A 252 -0.45 -14.43 3.91
CA ASP A 252 0.84 -14.98 3.54
C ASP A 252 1.63 -13.86 2.86
N ILE A 253 2.82 -13.56 3.41
CA ILE A 253 3.65 -12.46 2.90
C ILE A 253 4.06 -12.64 1.42
N ALA A 254 4.12 -13.90 0.97
CA ALA A 254 4.46 -14.21 -0.41
C ALA A 254 3.37 -13.82 -1.43
N GLN A 255 2.21 -13.38 -0.95
CA GLN A 255 1.13 -12.91 -1.83
C GLN A 255 1.23 -11.42 -2.13
N VAL A 256 2.29 -10.77 -1.60
CA VAL A 256 2.48 -9.33 -1.74
C VAL A 256 3.79 -9.04 -2.48
N ASN A 257 3.70 -8.20 -3.50
CA ASN A 257 4.87 -7.71 -4.19
C ASN A 257 4.79 -6.20 -4.31
N LEU A 258 5.55 -5.50 -3.48
CA LEU A 258 5.53 -4.04 -3.44
C LEU A 258 6.16 -3.49 -4.71
N LYS A 259 5.48 -2.53 -5.34
CA LYS A 259 5.91 -1.97 -6.62
C LYS A 259 6.31 -0.51 -6.54
N TYR A 260 5.47 0.31 -5.89
CA TYR A 260 5.72 1.75 -5.80
C TYR A 260 5.58 2.30 -4.40
N LEU A 261 6.24 3.43 -4.17
CA LEU A 261 6.13 4.19 -2.94
C LEU A 261 5.89 5.61 -3.34
N LEU A 262 4.81 6.21 -2.85
CA LEU A 262 4.45 7.56 -3.20
C LEU A 262 4.70 8.48 -2.03
N LYS A 263 5.26 9.66 -2.31
CA LYS A 263 5.39 10.69 -1.31
C LYS A 263 4.31 11.72 -1.60
N LEU A 264 3.44 11.94 -0.63
CA LEU A 264 2.22 12.71 -0.85
C LEU A 264 2.11 13.93 0.06
N LYS A 265 1.73 15.06 -0.54
CA LYS A 265 1.39 16.26 0.21
C LYS A 265 -0.07 16.18 0.61
N PHE A 266 -0.33 16.38 1.89
CA PHE A 266 -1.68 16.47 2.41
C PHE A 266 -1.98 17.96 2.54
N ASN A 267 -3.06 18.41 1.93
CA ASN A 267 -3.48 19.82 2.03
C ASN A 267 -4.77 19.92 2.84
N PHE A 268 -4.66 20.39 4.07
CA PHE A 268 -5.76 20.35 5.04
C PHE A 268 -6.65 21.58 4.90
N LYS A 269 -7.53 21.77 5.88
CA LYS A 269 -8.28 23.02 6.04
C LYS A 269 -7.76 23.71 7.30
#